data_3K4S
#
_entry.id   3K4S
#
_cell.length_a   83.217
_cell.length_b   83.217
_cell.length_c   148.766
_cell.angle_alpha   90.00
_cell.angle_beta   90.00
_cell.angle_gamma   90.00
#
_symmetry.space_group_name_H-M   'P 41 2 2'
#
loop_
_entity.id
_entity.type
_entity.pdbx_description
1 polymer "cAMP-specific 3',5'-cyclic phosphodiesterase 4D"
2 non-polymer 'ZINC ION'
3 non-polymer (4R)-4-(3-butoxy-4-methoxybenzyl)imidazolidin-2-one
4 non-polymer 'MAGNESIUM ION'
5 water water
#
_entity_poly.entity_id   1
_entity_poly.type   'polypeptide(L)'
_entity_poly.pdbx_seq_one_letter_code
;MGSSHHHHHHSSGLVPRGSHMTEQEDVLAKELEDVNKWGLHVFRIAELSGNRPLTVIMHTIFQERDLLKTFKIPVDTLIT
YLMTLEDHYHADVAYHNNIHAADVVQSTHVLLSTPALEAVFTDLEILAAIFASAIHDVDHPGVSNQFLINTNSELALMYN
DSSVLENHHLAVGFKLLQEENCDIFQNLTKKQRQSLRKMVIDIVLATDMSKHMNLLADLKTMVETKKVTSSGVLLLDNYS
DRIQVLQNMVHCADLSNPTKPLQLYRQWTDRIMEEFFRQGDRERERGMEISPMCDKHNASVEKSQVGFIDYIVHPLWETW
ADLVHPDAQDILDTLEDNREWYQSTIPQS
;
_entity_poly.pdbx_strand_id   A
#
loop_
_chem_comp.id
_chem_comp.type
_chem_comp.name
_chem_comp.formula
0MO non-polymer (4R)-4-(3-butoxy-4-methoxybenzyl)imidazolidin-2-one 'C15 H22 N2 O3'
MG non-polymer 'MAGNESIUM ION' 'Mg 2'
ZN non-polymer 'ZINC ION' 'Zn 2'
#
# COMPACT_ATOMS: atom_id res chain seq x y z
N HIS A 20 -19.26 -23.62 -19.09
CA HIS A 20 -18.28 -22.48 -19.29
C HIS A 20 -18.89 -21.17 -19.80
N MET A 21 -18.55 -20.08 -19.11
CA MET A 21 -19.03 -18.73 -19.41
C MET A 21 -18.42 -18.08 -20.64
N THR A 22 -19.09 -17.03 -21.07
CA THR A 22 -18.73 -16.18 -22.19
C THR A 22 -17.90 -14.97 -21.68
N GLU A 23 -17.09 -14.35 -22.53
CA GLU A 23 -16.38 -13.12 -22.14
C GLU A 23 -17.27 -12.05 -21.46
N GLN A 24 -18.46 -11.84 -22.01
CA GLN A 24 -19.45 -10.87 -21.51
C GLN A 24 -19.98 -11.24 -20.11
N GLU A 25 -20.00 -12.54 -19.80
CA GLU A 25 -20.47 -13.04 -18.51
C GLU A 25 -19.43 -13.01 -17.35
N ASP A 26 -18.16 -13.22 -17.71
CA ASP A 26 -17.08 -13.36 -16.73
C ASP A 26 -16.70 -11.94 -16.35
N VAL A 27 -17.48 -11.33 -15.47
CA VAL A 27 -17.30 -9.92 -15.12
C VAL A 27 -15.99 -9.72 -14.29
N LEU A 28 -15.52 -10.77 -13.63
CA LEU A 28 -14.31 -10.63 -12.80
C LEU A 28 -13.09 -10.50 -13.69
N ALA A 29 -12.93 -11.42 -14.65
CA ALA A 29 -11.83 -11.35 -15.62
C ALA A 29 -11.85 -10.04 -16.35
N LYS A 30 -13.05 -9.56 -16.66
CA LYS A 30 -13.20 -8.29 -17.35
C LYS A 30 -12.60 -7.14 -16.52
N GLU A 31 -12.93 -7.09 -15.23
CA GLU A 31 -12.41 -6.01 -14.35
C GLU A 31 -10.89 -6.13 -14.23
N LEU A 32 -10.41 -7.36 -14.11
CA LEU A 32 -8.97 -7.66 -13.95
C LEU A 32 -8.10 -7.23 -15.15
N GLU A 33 -8.73 -7.00 -16.32
CA GLU A 33 -8.03 -6.38 -17.47
C GLU A 33 -7.60 -4.95 -17.16
N ASP A 34 -8.15 -4.33 -16.12
CA ASP A 34 -7.79 -2.95 -15.81
C ASP A 34 -6.57 -2.89 -14.84
N VAL A 35 -5.93 -4.01 -14.60
CA VAL A 35 -4.90 -4.11 -13.55
C VAL A 35 -3.71 -3.15 -13.74
N ASN A 36 -3.43 -2.73 -14.99
CA ASN A 36 -2.36 -1.78 -15.28
C ASN A 36 -2.81 -0.33 -15.21
N LYS A 37 -4.03 -0.08 -14.76
CA LYS A 37 -4.55 1.31 -14.78
C LYS A 37 -4.70 1.88 -13.39
N TRP A 38 -4.39 3.18 -13.27
CA TRP A 38 -4.61 3.93 -12.04
C TRP A 38 -6.12 4.19 -12.00
N GLY A 39 -6.80 3.76 -10.95
CA GLY A 39 -8.27 3.89 -10.98
C GLY A 39 -9.00 2.57 -11.21
N LEU A 40 -8.26 1.46 -11.20
CA LEU A 40 -8.83 0.12 -11.10
C LEU A 40 -10.03 0.11 -10.11
N HIS A 41 -11.18 -0.47 -10.47
CA HIS A 41 -12.34 -0.57 -9.57
CA HIS A 41 -12.22 -0.51 -9.46
C HIS A 41 -12.09 -1.67 -8.52
N VAL A 42 -11.28 -1.36 -7.51
CA VAL A 42 -10.82 -2.42 -6.63
C VAL A 42 -11.98 -2.91 -5.75
N PHE A 43 -12.91 -2.03 -5.38
CA PHE A 43 -14.05 -2.50 -4.57
C PHE A 43 -14.98 -3.47 -5.33
N ARG A 44 -15.12 -3.23 -6.63
CA ARG A 44 -15.88 -4.08 -7.53
C ARG A 44 -15.13 -5.43 -7.65
N ILE A 45 -13.81 -5.38 -7.84
CA ILE A 45 -13.05 -6.63 -7.78
C ILE A 45 -13.21 -7.36 -6.46
N ALA A 46 -13.29 -6.63 -5.35
CA ALA A 46 -13.45 -7.32 -4.08
C ALA A 46 -14.79 -8.06 -4.07
N GLU A 47 -15.85 -7.34 -4.46
CA GLU A 47 -17.18 -7.96 -4.47
C GLU A 47 -17.23 -9.15 -5.44
N LEU A 48 -16.76 -8.98 -6.67
CA LEU A 48 -16.84 -10.04 -7.68
C LEU A 48 -15.90 -11.21 -7.44
N SER A 49 -14.85 -11.04 -6.63
CA SER A 49 -13.93 -12.19 -6.36
C SER A 49 -14.38 -13.00 -5.13
N GLY A 50 -15.52 -12.63 -4.58
CA GLY A 50 -15.99 -13.27 -3.35
C GLY A 50 -15.14 -12.85 -2.15
N ASN A 51 -14.82 -11.56 -2.10
CA ASN A 51 -13.96 -10.95 -1.06
C ASN A 51 -12.53 -11.49 -1.07
N ARG A 52 -11.98 -11.74 -2.25
CA ARG A 52 -10.58 -12.13 -2.39
C ARG A 52 -9.81 -11.19 -3.30
N PRO A 53 -9.93 -9.86 -3.11
CA PRO A 53 -9.25 -9.00 -4.08
C PRO A 53 -7.70 -9.21 -4.04
N LEU A 54 -7.15 -9.53 -2.86
CA LEU A 54 -5.67 -9.52 -2.75
C LEU A 54 -5.19 -10.73 -3.58
N THR A 55 -5.89 -11.85 -3.42
CA THR A 55 -5.50 -13.07 -4.11
C THR A 55 -5.56 -12.91 -5.62
N VAL A 56 -6.67 -12.41 -6.17
CA VAL A 56 -6.76 -12.44 -7.63
C VAL A 56 -5.92 -11.34 -8.22
N ILE A 57 -5.79 -10.23 -7.51
CA ILE A 57 -5.00 -9.12 -8.04
C ILE A 57 -3.51 -9.48 -8.05
N MET A 58 -3.03 -10.12 -6.96
CA MET A 58 -1.62 -10.60 -6.87
C MET A 58 -1.38 -11.66 -7.97
N HIS A 59 -2.28 -12.62 -8.09
CA HIS A 59 -2.09 -13.64 -9.13
C HIS A 59 -2.01 -13.02 -10.53
N THR A 60 -2.94 -12.11 -10.83
CA THR A 60 -2.93 -11.45 -12.13
C THR A 60 -1.62 -10.70 -12.33
N ILE A 61 -1.19 -9.94 -11.32
CA ILE A 61 0.08 -9.20 -11.41
C ILE A 61 1.27 -10.16 -11.61
N PHE A 62 1.33 -11.26 -10.86
CA PHE A 62 2.45 -12.21 -11.06
C PHE A 62 2.48 -12.81 -12.48
N GLN A 63 1.31 -13.18 -13.03
CA GLN A 63 1.24 -13.67 -14.41
C GLN A 63 1.64 -12.59 -15.35
N GLU A 64 1.11 -11.38 -15.16
CA GLU A 64 1.37 -10.28 -16.07
C GLU A 64 2.87 -9.94 -16.17
N ARG A 65 3.57 -10.03 -15.04
CA ARG A 65 4.99 -9.72 -14.95
C ARG A 65 5.86 -10.96 -15.16
N ASP A 66 5.20 -12.12 -15.36
CA ASP A 66 5.84 -13.40 -15.67
C ASP A 66 6.73 -13.89 -14.50
N LEU A 67 6.31 -13.49 -13.29
CA LEU A 67 7.04 -13.78 -12.05
C LEU A 67 7.01 -15.25 -11.64
N LEU A 68 5.96 -15.99 -12.02
CA LEU A 68 5.90 -17.41 -11.64
C LEU A 68 7.00 -18.18 -12.37
N LYS A 69 7.14 -17.87 -13.66
CA LYS A 69 8.14 -18.46 -14.52
C LYS A 69 9.57 -18.06 -14.07
N THR A 70 9.82 -16.76 -13.90
CA THR A 70 11.14 -16.23 -13.53
C THR A 70 11.65 -16.84 -12.22
N PHE A 71 10.79 -17.04 -11.22
CA PHE A 71 11.23 -17.53 -9.89
C PHE A 71 10.78 -18.92 -9.59
N LYS A 72 10.32 -19.60 -10.64
CA LYS A 72 9.74 -20.94 -10.52
C LYS A 72 8.80 -21.10 -9.33
N ILE A 73 7.87 -20.15 -9.21
CA ILE A 73 6.82 -20.29 -8.19
C ILE A 73 5.74 -21.23 -8.75
N PRO A 74 5.50 -22.37 -8.08
CA PRO A 74 4.37 -23.23 -8.47
C PRO A 74 3.01 -22.54 -8.20
N VAL A 75 2.14 -22.46 -9.21
CA VAL A 75 0.87 -21.70 -9.10
C VAL A 75 0.05 -22.10 -7.86
N ASP A 76 -0.03 -23.39 -7.55
CA ASP A 76 -0.83 -23.79 -6.39
C ASP A 76 -0.19 -23.33 -5.05
N THR A 77 1.14 -23.18 -5.07
CA THR A 77 1.86 -22.61 -3.92
C THR A 77 1.53 -21.11 -3.80
N LEU A 78 1.55 -20.38 -4.91
CA LEU A 78 1.20 -18.98 -4.88
C LEU A 78 -0.23 -18.77 -4.38
N ILE A 79 -1.18 -19.52 -4.95
CA ILE A 79 -2.56 -19.39 -4.52
C ILE A 79 -2.69 -19.74 -3.05
N THR A 80 -2.09 -20.83 -2.61
CA THR A 80 -2.25 -21.24 -1.20
C THR A 80 -1.66 -20.16 -0.25
N TYR A 81 -0.51 -19.60 -0.61
CA TYR A 81 0.06 -18.52 0.22
C TYR A 81 -0.85 -17.29 0.19
N LEU A 82 -1.32 -16.95 -1.02
CA LEU A 82 -2.18 -15.75 -1.13
C LEU A 82 -3.42 -15.86 -0.27
N MET A 83 -4.05 -17.04 -0.26
N MET A 83 -4.06 -17.04 -0.25
CA MET A 83 -5.26 -17.28 0.54
CA MET A 83 -5.28 -17.26 0.53
C MET A 83 -5.02 -17.12 2.05
C MET A 83 -5.02 -17.13 2.05
N THR A 84 -3.94 -17.73 2.55
CA THR A 84 -3.58 -17.57 3.97
C THR A 84 -3.24 -16.11 4.27
N LEU A 85 -2.43 -15.48 3.44
CA LEU A 85 -2.11 -14.08 3.69
C LEU A 85 -3.43 -13.28 3.74
N GLU A 86 -4.25 -13.45 2.71
CA GLU A 86 -5.56 -12.73 2.73
C GLU A 86 -6.42 -13.10 3.93
N ASP A 87 -6.45 -14.37 4.32
CA ASP A 87 -7.13 -14.72 5.57
C ASP A 87 -6.64 -13.98 6.81
N HIS A 88 -5.43 -13.43 6.79
CA HIS A 88 -4.86 -12.81 8.02
C HIS A 88 -5.01 -11.31 8.06
N TYR A 89 -5.59 -10.72 7.01
CA TYR A 89 -6.19 -9.38 7.12
C TYR A 89 -7.56 -9.59 7.75
N HIS A 90 -7.96 -8.66 8.58
CA HIS A 90 -9.19 -8.76 9.34
C HIS A 90 -10.37 -8.19 8.51
N ALA A 91 -11.40 -8.98 8.27
CA ALA A 91 -12.55 -8.42 7.53
C ALA A 91 -13.46 -7.54 8.39
N ASP A 92 -13.34 -7.58 9.71
CA ASP A 92 -14.06 -6.58 10.53
C ASP A 92 -13.35 -5.20 10.65
N VAL A 93 -12.21 -5.01 9.98
CA VAL A 93 -11.52 -3.71 10.04
C VAL A 93 -11.91 -2.90 8.78
N ALA A 94 -12.46 -1.69 8.95
CA ALA A 94 -13.04 -0.89 7.81
C ALA A 94 -12.02 -0.49 6.75
N TYR A 95 -10.84 -0.04 7.19
CA TYR A 95 -9.81 0.41 6.23
C TYR A 95 -8.64 -0.54 6.03
N HIS A 96 -7.92 -0.87 7.11
CA HIS A 96 -6.72 -1.72 6.96
C HIS A 96 -7.03 -3.19 6.78
N ASN A 97 -7.56 -3.57 5.61
CA ASN A 97 -8.02 -4.93 5.44
C ASN A 97 -7.48 -5.38 4.13
N ASN A 98 -7.92 -6.54 3.64
CA ASN A 98 -7.46 -7.09 2.39
C ASN A 98 -7.67 -6.22 1.14
N ILE A 99 -8.64 -5.31 1.19
CA ILE A 99 -8.90 -4.49 0.03
C ILE A 99 -7.86 -3.40 -0.04
N HIS A 100 -7.55 -2.79 1.10
CA HIS A 100 -6.46 -1.84 1.13
C HIS A 100 -5.12 -2.53 0.68
N ALA A 101 -4.83 -3.71 1.17
CA ALA A 101 -3.65 -4.42 0.71
C ALA A 101 -3.63 -4.61 -0.83
N ALA A 102 -4.79 -5.04 -1.39
CA ALA A 102 -4.88 -5.23 -2.84
C ALA A 102 -4.65 -3.93 -3.58
N ASP A 103 -5.17 -2.83 -3.06
CA ASP A 103 -5.01 -1.47 -3.66
C ASP A 103 -3.52 -0.98 -3.63
N VAL A 104 -2.84 -1.24 -2.51
CA VAL A 104 -1.43 -0.87 -2.41
C VAL A 104 -0.63 -1.71 -3.38
N VAL A 105 -0.91 -3.01 -3.45
CA VAL A 105 -0.25 -3.90 -4.39
C VAL A 105 -0.43 -3.40 -5.85
N GLN A 106 -1.70 -3.10 -6.18
CA GLN A 106 -2.01 -2.68 -7.55
C GLN A 106 -1.43 -1.33 -7.82
N SER A 107 -1.44 -0.42 -6.85
CA SER A 107 -0.86 0.89 -7.10
C SER A 107 0.69 0.83 -7.28
N THR A 108 1.36 -0.02 -6.51
CA THR A 108 2.81 -0.20 -6.67
C THR A 108 3.07 -0.77 -8.06
N HIS A 109 2.24 -1.73 -8.43
CA HIS A 109 2.39 -2.33 -9.76
C HIS A 109 2.36 -1.31 -10.91
N VAL A 110 1.48 -0.31 -10.82
CA VAL A 110 1.42 0.73 -11.80
C VAL A 110 2.62 1.67 -11.72
N LEU A 111 2.95 2.13 -10.51
CA LEU A 111 4.15 2.96 -10.34
C LEU A 111 5.44 2.27 -10.85
N LEU A 112 5.53 0.95 -10.73
CA LEU A 112 6.72 0.25 -11.21
C LEU A 112 6.88 0.41 -12.73
N SER A 113 5.79 0.68 -13.40
CA SER A 113 5.78 0.75 -14.84
C SER A 113 5.83 2.15 -15.37
N THR A 114 6.08 3.18 -14.53
CA THR A 114 6.25 4.53 -15.09
C THR A 114 7.44 4.58 -16.03
N PRO A 115 7.30 5.34 -17.11
CA PRO A 115 8.39 5.46 -18.08
C PRO A 115 9.74 5.87 -17.45
N ALA A 116 9.78 6.82 -16.51
CA ALA A 116 11.06 7.23 -15.90
C ALA A 116 11.84 6.09 -15.27
N LEU A 117 11.16 4.97 -15.01
CA LEU A 117 11.74 3.80 -14.35
C LEU A 117 11.85 2.58 -15.28
N GLU A 118 11.67 2.82 -16.58
CA GLU A 118 11.74 1.75 -17.60
C GLU A 118 13.02 0.90 -17.51
N ALA A 119 12.85 -0.39 -17.33
CA ALA A 119 13.96 -1.35 -17.22
C ALA A 119 14.97 -1.10 -16.08
N VAL A 120 14.67 -0.16 -15.19
CA VAL A 120 15.56 0.15 -14.05
C VAL A 120 15.69 -0.97 -13.01
N PHE A 121 14.59 -1.62 -12.59
CA PHE A 121 14.64 -2.61 -11.50
C PHE A 121 14.77 -4.04 -11.95
N THR A 122 15.52 -4.84 -11.20
CA THR A 122 15.64 -6.25 -11.55
C THR A 122 14.31 -6.88 -11.18
N ASP A 123 14.13 -8.13 -11.62
CA ASP A 123 12.95 -8.91 -11.31
C ASP A 123 12.84 -9.15 -9.80
N LEU A 124 13.99 -9.21 -9.12
CA LEU A 124 13.98 -9.58 -7.70
C LEU A 124 13.49 -8.39 -6.94
N GLU A 125 13.89 -7.21 -7.38
CA GLU A 125 13.53 -5.98 -6.74
C GLU A 125 12.01 -5.75 -6.96
N ILE A 126 11.50 -6.21 -8.10
CA ILE A 126 10.08 -6.05 -8.44
C ILE A 126 9.27 -6.99 -7.57
N LEU A 127 9.71 -8.24 -7.48
CA LEU A 127 9.15 -9.19 -6.53
C LEU A 127 9.07 -8.62 -5.13
N ALA A 128 10.17 -7.98 -4.69
CA ALA A 128 10.24 -7.52 -3.31
C ALA A 128 9.22 -6.42 -3.12
N ALA A 129 9.10 -5.51 -4.10
CA ALA A 129 8.19 -4.36 -3.90
C ALA A 129 6.72 -4.78 -3.87
N ILE A 130 6.36 -5.74 -4.69
CA ILE A 130 5.00 -6.22 -4.77
C ILE A 130 4.70 -7.11 -3.60
N PHE A 131 5.62 -8.02 -3.27
CA PHE A 131 5.45 -8.81 -2.05
C PHE A 131 5.37 -7.90 -0.84
N ALA A 132 6.27 -6.90 -0.73
CA ALA A 132 6.20 -6.01 0.45
C ALA A 132 4.76 -5.35 0.53
N SER A 133 4.29 -4.78 -0.57
CA SER A 133 2.93 -4.16 -0.64
C SER A 133 1.88 -5.15 -0.17
N ALA A 134 2.02 -6.40 -0.57
CA ALA A 134 1.01 -7.39 -0.25
C ALA A 134 0.93 -7.66 1.26
N ILE A 135 2.09 -7.68 1.96
CA ILE A 135 2.07 -8.03 3.40
C ILE A 135 2.08 -6.79 4.28
N HIS A 136 2.14 -5.58 3.72
CA HIS A 136 2.53 -4.42 4.53
C HIS A 136 1.58 -4.07 5.66
N ASP A 137 0.37 -4.64 5.67
CA ASP A 137 -0.58 -4.32 6.72
C ASP A 137 -1.20 -5.58 7.33
N VAL A 138 -0.69 -6.75 6.95
CA VAL A 138 -1.24 -8.00 7.48
C VAL A 138 -1.46 -8.05 9.01
N ASP A 139 -2.62 -8.55 9.41
CA ASP A 139 -2.99 -8.70 10.80
C ASP A 139 -3.13 -7.39 11.52
N HIS A 140 -3.43 -6.30 10.80
CA HIS A 140 -3.66 -4.99 11.42
C HIS A 140 -4.93 -5.07 12.27
N PRO A 141 -4.87 -4.61 13.54
CA PRO A 141 -6.06 -4.71 14.36
C PRO A 141 -7.02 -3.51 14.23
N GLY A 142 -6.73 -2.50 13.40
CA GLY A 142 -7.65 -1.34 13.28
C GLY A 142 -7.40 -0.27 14.31
N VAL A 143 -6.23 -0.32 14.98
CA VAL A 143 -5.86 0.70 15.94
C VAL A 143 -4.38 1.07 15.70
N SER A 144 -4.01 2.30 16.02
CA SER A 144 -2.72 2.82 15.62
C SER A 144 -1.60 2.30 16.51
N ASN A 145 -0.35 2.51 16.10
CA ASN A 145 0.78 2.25 16.98
C ASN A 145 0.56 2.93 18.33
N GLN A 146 0.15 4.21 18.31
CA GLN A 146 0.11 4.98 19.52
C GLN A 146 -0.90 4.42 20.52
N PHE A 147 -2.02 3.89 20.01
CA PHE A 147 -3.00 3.28 20.85
C PHE A 147 -2.48 1.96 21.48
N LEU A 148 -1.79 1.15 20.69
CA LEU A 148 -1.20 -0.07 21.21
C LEU A 148 -0.12 0.23 22.31
N ILE A 149 0.71 1.25 22.11
CA ILE A 149 1.65 1.73 23.14
C ILE A 149 0.92 2.21 24.42
N ASN A 150 0.02 3.19 24.27
CA ASN A 150 -0.81 3.69 25.38
C ASN A 150 -1.64 2.69 26.16
N THR A 151 -2.07 1.60 25.52
CA THR A 151 -2.80 0.57 26.24
C THR A 151 -1.89 -0.57 26.73
N ASN A 152 -0.58 -0.37 26.64
CA ASN A 152 0.38 -1.40 27.06
C ASN A 152 0.09 -2.78 26.47
N SER A 153 -0.09 -2.84 25.15
CA SER A 153 -0.43 -4.08 24.49
C SER A 153 0.77 -5.02 24.42
N GLU A 154 0.49 -6.26 24.09
CA GLU A 154 1.52 -7.29 23.98
C GLU A 154 2.46 -7.07 22.82
N LEU A 155 1.93 -6.49 21.74
CA LEU A 155 2.75 -6.09 20.60
C LEU A 155 3.67 -4.92 20.94
N ALA A 156 3.17 -3.91 21.63
CA ALA A 156 4.04 -2.80 21.99
C ALA A 156 5.17 -3.27 22.97
N LEU A 157 4.83 -4.21 23.83
CA LEU A 157 5.81 -4.81 24.77
C LEU A 157 6.84 -5.62 24.01
N MET A 158 6.36 -6.49 23.13
CA MET A 158 7.22 -7.23 22.21
C MET A 158 8.18 -6.37 21.45
N TYR A 159 7.69 -5.29 20.86
CA TYR A 159 8.48 -4.49 19.94
C TYR A 159 9.07 -3.19 20.51
N ASN A 160 9.02 -3.06 21.83
CA ASN A 160 9.62 -1.89 22.50
C ASN A 160 9.15 -0.53 22.00
N ASP A 161 7.82 -0.46 21.78
CA ASP A 161 7.15 0.79 21.39
C ASP A 161 7.64 1.34 20.06
N SER A 162 8.41 0.56 19.30
CA SER A 162 9.00 1.13 18.11
C SER A 162 8.57 0.41 16.79
N SER A 163 8.01 1.18 15.86
CA SER A 163 7.38 0.60 14.65
C SER A 163 6.61 -0.64 14.98
N VAL A 164 5.74 -0.58 15.96
CA VAL A 164 5.13 -1.82 16.49
C VAL A 164 4.35 -2.65 15.42
N LEU A 165 3.41 -2.02 14.73
CA LEU A 165 2.62 -2.74 13.73
C LEU A 165 3.48 -3.09 12.53
N GLU A 166 4.34 -2.19 12.09
CA GLU A 166 5.07 -2.53 10.87
C GLU A 166 6.00 -3.74 11.12
N ASN A 167 6.65 -3.78 12.30
CA ASN A 167 7.44 -4.98 12.67
C ASN A 167 6.53 -6.22 12.62
N HIS A 168 5.32 -6.09 13.16
CA HIS A 168 4.41 -7.23 13.23
C HIS A 168 3.96 -7.69 11.81
N HIS A 169 3.67 -6.73 10.93
CA HIS A 169 3.29 -7.07 9.51
C HIS A 169 4.36 -7.92 8.82
N LEU A 170 5.61 -7.53 9.01
CA LEU A 170 6.73 -8.24 8.42
C LEU A 170 6.79 -9.63 8.99
N ALA A 171 6.73 -9.76 10.32
CA ALA A 171 6.93 -11.07 10.97
C ALA A 171 5.79 -12.04 10.60
N VAL A 172 4.56 -11.54 10.55
CA VAL A 172 3.45 -12.38 10.08
C VAL A 172 3.61 -12.75 8.60
N GLY A 173 3.88 -11.79 7.72
CA GLY A 173 4.01 -12.11 6.27
C GLY A 173 5.10 -13.12 5.92
N PHE A 174 6.24 -13.01 6.63
CA PHE A 174 7.28 -14.04 6.48
C PHE A 174 6.90 -15.35 7.12
N LYS A 175 6.36 -15.32 8.33
CA LYS A 175 6.06 -16.58 9.00
C LYS A 175 5.06 -17.44 8.23
N LEU A 176 4.09 -16.80 7.58
CA LEU A 176 3.04 -17.53 6.86
C LEU A 176 3.61 -18.35 5.72
N LEU A 177 4.74 -17.93 5.18
CA LEU A 177 5.49 -18.70 4.17
C LEU A 177 5.83 -20.14 4.59
N GLN A 178 5.88 -20.41 5.89
CA GLN A 178 6.23 -21.74 6.41
C GLN A 178 5.05 -22.69 6.55
N GLU A 179 3.83 -22.20 6.33
CA GLU A 179 2.69 -23.09 6.33
C GLU A 179 2.74 -24.04 5.14
N GLU A 180 2.05 -25.15 5.30
CA GLU A 180 2.00 -26.22 4.30
C GLU A 180 1.74 -25.67 2.88
N ASN A 181 2.68 -25.95 1.98
CA ASN A 181 2.61 -25.50 0.62
C ASN A 181 2.50 -23.96 0.42
N CYS A 182 3.06 -23.16 1.34
CA CYS A 182 2.97 -21.68 1.20
C CYS A 182 4.29 -20.98 0.81
N ASP A 183 5.35 -21.77 0.68
CA ASP A 183 6.66 -21.15 0.39
C ASP A 183 6.90 -20.77 -1.07
N ILE A 184 6.43 -19.57 -1.42
CA ILE A 184 6.53 -19.10 -2.79
C ILE A 184 7.97 -18.76 -3.17
N PHE A 185 8.85 -18.72 -2.18
CA PHE A 185 10.29 -18.43 -2.41
C PHE A 185 11.15 -19.69 -2.35
N GLN A 186 10.51 -20.87 -2.36
CA GLN A 186 11.23 -22.15 -2.28
C GLN A 186 12.30 -22.36 -3.34
N ASN A 187 12.15 -21.74 -4.52
CA ASN A 187 13.14 -21.88 -5.58
C ASN A 187 13.98 -20.64 -5.86
N LEU A 188 13.97 -19.68 -4.95
CA LEU A 188 14.95 -18.63 -5.01
C LEU A 188 16.28 -19.26 -4.48
N THR A 189 17.42 -18.77 -4.94
CA THR A 189 18.68 -19.25 -4.38
C THR A 189 18.72 -18.67 -2.96
N LYS A 190 19.59 -19.21 -2.10
CA LYS A 190 19.78 -18.64 -0.73
C LYS A 190 20.12 -17.14 -0.79
N LYS A 191 20.86 -16.72 -1.80
CA LYS A 191 21.29 -15.35 -1.88
C LYS A 191 20.16 -14.44 -2.37
N GLN A 192 19.39 -14.94 -3.34
CA GLN A 192 18.14 -14.27 -3.73
C GLN A 192 17.21 -14.05 -2.52
N ARG A 193 16.92 -15.11 -1.77
CA ARG A 193 16.04 -15.03 -0.60
C ARG A 193 16.56 -14.02 0.43
N GLN A 194 17.88 -13.98 0.61
CA GLN A 194 18.51 -13.05 1.55
C GLN A 194 18.38 -11.58 1.03
N SER A 195 18.58 -11.33 -0.25
CA SER A 195 18.40 -9.96 -0.75
C SER A 195 16.92 -9.50 -0.70
N LEU A 196 16.02 -10.39 -1.11
CA LEU A 196 14.59 -10.12 -1.09
C LEU A 196 14.19 -9.74 0.33
N ARG A 197 14.49 -10.62 1.31
CA ARG A 197 14.17 -10.37 2.70
C ARG A 197 14.65 -9.01 3.16
N LYS A 198 15.90 -8.67 2.82
CA LYS A 198 16.47 -7.40 3.21
C LYS A 198 15.63 -6.27 2.62
N MET A 199 15.35 -6.37 1.31
CA MET A 199 14.59 -5.32 0.64
C MET A 199 13.21 -5.20 1.23
N VAL A 200 12.53 -6.32 1.45
CA VAL A 200 11.15 -6.30 1.95
C VAL A 200 11.07 -5.64 3.33
N ILE A 201 12.04 -6.00 4.19
CA ILE A 201 12.11 -5.38 5.53
C ILE A 201 12.33 -3.89 5.43
N ASP A 202 13.28 -3.47 4.61
CA ASP A 202 13.53 -2.04 4.41
C ASP A 202 12.27 -1.28 3.89
N ILE A 203 11.56 -1.90 2.96
CA ILE A 203 10.34 -1.24 2.39
C ILE A 203 9.24 -1.15 3.42
N VAL A 204 8.96 -2.23 4.16
CA VAL A 204 7.78 -2.17 5.05
C VAL A 204 8.06 -1.28 6.25
N LEU A 205 9.31 -1.30 6.75
CA LEU A 205 9.58 -0.49 7.93
C LEU A 205 9.41 0.96 7.56
N ALA A 206 9.63 1.27 6.29
CA ALA A 206 9.52 2.66 5.84
C ALA A 206 8.06 3.14 5.69
N THR A 207 7.08 2.22 5.71
CA THR A 207 5.63 2.60 5.75
C THR A 207 5.18 3.20 7.08
N ASP A 208 6.07 3.18 8.12
CA ASP A 208 5.77 3.76 9.42
C ASP A 208 5.62 5.27 9.24
N MET A 209 4.41 5.79 9.53
CA MET A 209 4.11 7.23 9.37
C MET A 209 4.97 8.14 10.23
N SER A 210 5.45 7.65 11.38
CA SER A 210 6.43 8.43 12.15
C SER A 210 7.79 8.60 11.38
N LYS A 211 7.97 7.88 10.28
CA LYS A 211 9.18 8.00 9.49
C LYS A 211 9.00 8.95 8.30
N HIS A 212 7.77 9.44 8.11
CA HIS A 212 7.39 10.11 6.87
C HIS A 212 8.17 11.40 6.66
N MET A 213 8.36 12.18 7.70
CA MET A 213 8.99 13.49 7.50
C MET A 213 10.43 13.32 7.03
N ASN A 214 11.17 12.40 7.64
CA ASN A 214 12.54 12.14 7.18
C ASN A 214 12.64 11.44 5.84
N LEU A 215 11.73 10.50 5.58
CA LEU A 215 11.68 9.86 4.28
C LEU A 215 11.54 10.89 3.17
N LEU A 216 10.59 11.80 3.36
CA LEU A 216 10.34 12.87 2.40
C LEU A 216 11.48 13.86 2.32
N ALA A 217 11.98 14.32 3.47
CA ALA A 217 13.16 15.18 3.43
C ALA A 217 14.31 14.53 2.64
N ASP A 218 14.60 13.26 2.88
CA ASP A 218 15.67 12.57 2.13
C ASP A 218 15.34 12.28 0.68
N LEU A 219 14.05 12.10 0.36
CA LEU A 219 13.69 11.97 -1.04
C LEU A 219 13.95 13.27 -1.80
N LYS A 220 13.61 14.42 -1.21
CA LYS A 220 13.88 15.71 -1.87
C LYS A 220 15.37 15.88 -2.17
N THR A 221 16.21 15.54 -1.20
CA THR A 221 17.67 15.59 -1.35
C THR A 221 18.14 14.73 -2.52
N MET A 222 17.62 13.51 -2.67
CA MET A 222 18.10 12.68 -3.77
C MET A 222 17.58 13.12 -5.12
N VAL A 223 16.45 13.82 -5.14
CA VAL A 223 15.90 14.37 -6.37
C VAL A 223 16.79 15.53 -6.85
N GLU A 224 17.32 16.30 -5.89
CA GLU A 224 18.24 17.41 -6.24
C GLU A 224 19.40 16.94 -7.11
N THR A 225 20.00 15.79 -6.77
CA THR A 225 21.15 15.30 -7.52
C THR A 225 20.86 14.09 -8.38
N LYS A 226 19.59 13.88 -8.73
CA LYS A 226 19.26 12.75 -9.59
C LYS A 226 19.91 12.90 -10.97
N LYS A 227 20.18 11.76 -11.61
CA LYS A 227 20.75 11.68 -12.95
C LYS A 227 19.80 10.90 -13.81
N VAL A 228 19.60 11.39 -15.05
CA VAL A 228 18.70 10.76 -16.03
C VAL A 228 19.45 10.48 -17.36
N THR A 229 19.02 9.46 -18.11
CA THR A 229 19.50 9.33 -19.49
C THR A 229 18.83 10.46 -20.26
N SER A 230 19.33 10.73 -21.47
CA SER A 230 18.79 11.80 -22.35
C SER A 230 17.31 11.62 -22.67
N SER A 231 16.83 10.37 -22.71
CA SER A 231 15.42 10.07 -22.96
C SER A 231 14.52 10.03 -21.67
N GLY A 232 15.11 10.40 -20.53
CA GLY A 232 14.35 10.63 -19.31
C GLY A 232 14.30 9.48 -18.30
N VAL A 233 14.99 8.39 -18.58
CA VAL A 233 15.06 7.27 -17.65
C VAL A 233 16.07 7.54 -16.49
N LEU A 234 15.60 7.37 -15.25
CA LEU A 234 16.45 7.52 -14.06
C LEU A 234 17.60 6.52 -14.02
N LEU A 235 18.76 7.04 -13.62
CA LEU A 235 19.90 6.16 -13.35
C LEU A 235 20.03 5.90 -11.85
N LEU A 236 19.98 4.63 -11.49
CA LEU A 236 20.05 4.25 -10.09
C LEU A 236 21.09 3.14 -9.99
N ASP A 237 22.33 3.50 -9.63
CA ASP A 237 23.53 2.64 -9.77
C ASP A 237 23.75 1.71 -8.59
N ASN A 238 23.23 2.07 -7.42
CA ASN A 238 23.55 1.32 -6.19
C ASN A 238 22.32 0.92 -5.39
N TYR A 239 22.50 -0.03 -4.49
CA TYR A 239 21.47 -0.45 -3.53
C TYR A 239 20.76 0.71 -2.81
N SER A 240 21.56 1.63 -2.26
CA SER A 240 21.01 2.76 -1.52
C SER A 240 19.99 3.55 -2.33
N ASP A 241 20.32 3.88 -3.57
CA ASP A 241 19.42 4.70 -4.37
C ASP A 241 18.19 3.90 -4.80
N ARG A 242 18.42 2.66 -5.22
CA ARG A 242 17.39 1.72 -5.60
C ARG A 242 16.41 1.47 -4.47
N ILE A 243 16.91 1.13 -3.27
CA ILE A 243 16.01 0.83 -2.19
C ILE A 243 15.21 2.07 -1.79
N GLN A 244 15.84 3.25 -1.89
CA GLN A 244 15.19 4.47 -1.47
C GLN A 244 13.97 4.80 -2.38
N VAL A 245 14.10 4.58 -3.69
CA VAL A 245 13.02 4.77 -4.65
C VAL A 245 11.85 3.80 -4.38
N LEU A 246 12.18 2.55 -4.07
CA LEU A 246 11.20 1.53 -3.73
C LEU A 246 10.46 1.76 -2.45
N GLN A 247 11.18 2.18 -1.40
CA GLN A 247 10.55 2.66 -0.16
C GLN A 247 9.58 3.80 -0.43
N ASN A 248 10.02 4.79 -1.19
CA ASN A 248 9.14 5.91 -1.43
C ASN A 248 7.96 5.53 -2.34
N MET A 249 8.21 4.61 -3.26
CA MET A 249 7.19 4.13 -4.18
C MET A 249 6.04 3.48 -3.43
N VAL A 250 6.40 2.53 -2.57
CA VAL A 250 5.40 1.83 -1.80
C VAL A 250 4.66 2.80 -0.83
N HIS A 251 5.42 3.73 -0.27
CA HIS A 251 4.87 4.75 0.62
C HIS A 251 3.81 5.64 -0.10
N CYS A 252 4.15 6.06 -1.31
CA CYS A 252 3.24 6.79 -2.20
C CYS A 252 2.01 5.91 -2.53
N ALA A 253 2.23 4.63 -2.85
CA ALA A 253 1.13 3.67 -3.05
C ALA A 253 0.21 3.57 -1.84
N ASP A 254 0.81 3.52 -0.64
CA ASP A 254 0.07 3.51 0.63
C ASP A 254 -0.74 4.79 0.79
N LEU A 255 -0.16 5.92 0.36
CA LEU A 255 -0.81 7.24 0.54
C LEU A 255 -1.39 7.75 -0.83
N SER A 256 -1.96 6.84 -1.58
CA SER A 256 -2.43 7.13 -2.91
C SER A 256 -3.98 7.36 -2.96
N ASN A 257 -4.71 7.27 -1.85
CA ASN A 257 -6.18 7.33 -1.93
C ASN A 257 -6.61 8.66 -2.55
N PRO A 258 -6.03 9.82 -2.11
CA PRO A 258 -6.51 11.12 -2.61
C PRO A 258 -6.14 11.44 -4.06
N THR A 259 -5.33 10.59 -4.68
CA THR A 259 -4.93 10.74 -6.09
C THR A 259 -5.74 9.85 -7.05
N LYS A 260 -6.69 9.11 -6.52
CA LYS A 260 -7.51 8.22 -7.33
C LYS A 260 -8.80 8.98 -7.75
N PRO A 261 -9.56 8.43 -8.73
CA PRO A 261 -10.82 9.09 -9.14
C PRO A 261 -11.64 9.32 -7.88
N LEU A 262 -12.35 10.45 -7.86
CA LEU A 262 -13.08 10.90 -6.70
C LEU A 262 -13.97 9.84 -6.09
N GLN A 263 -14.63 9.06 -6.93
CA GLN A 263 -15.56 8.11 -6.36
CA GLN A 263 -15.54 7.98 -6.53
C GLN A 263 -14.85 6.95 -5.62
N LEU A 264 -13.66 6.52 -6.04
CA LEU A 264 -12.81 5.64 -5.19
C LEU A 264 -12.35 6.37 -3.91
N TYR A 265 -11.78 7.57 -4.08
CA TYR A 265 -11.32 8.35 -2.98
C TYR A 265 -12.36 8.45 -1.87
N ARG A 266 -13.62 8.81 -2.21
CA ARG A 266 -14.65 8.96 -1.18
C ARG A 266 -14.93 7.70 -0.41
N GLN A 267 -14.84 6.56 -1.05
CA GLN A 267 -15.09 5.33 -0.34
C GLN A 267 -13.95 5.05 0.65
N TRP A 268 -12.71 5.41 0.29
CA TRP A 268 -11.54 5.22 1.18
C TRP A 268 -11.70 6.10 2.41
N THR A 269 -12.10 7.35 2.17
CA THR A 269 -12.39 8.28 3.25
C THR A 269 -13.47 7.79 4.20
N ASP A 270 -14.59 7.26 3.70
CA ASP A 270 -15.60 6.70 4.64
C ASP A 270 -15.02 5.53 5.45
N ARG A 271 -14.22 4.67 4.82
CA ARG A 271 -13.61 3.55 5.56
C ARG A 271 -12.54 3.97 6.61
N ILE A 272 -11.63 4.91 6.30
CA ILE A 272 -10.68 5.36 7.35
C ILE A 272 -11.42 6.04 8.52
N MET A 273 -12.41 6.90 8.22
CA MET A 273 -13.18 7.49 9.31
C MET A 273 -13.90 6.43 10.18
N GLU A 274 -14.47 5.39 9.56
CA GLU A 274 -15.17 4.41 10.33
C GLU A 274 -14.18 3.67 11.29
N GLU A 275 -12.99 3.35 10.78
CA GLU A 275 -11.96 2.69 11.57
C GLU A 275 -11.49 3.62 12.69
N PHE A 276 -11.26 4.89 12.37
CA PHE A 276 -10.83 5.86 13.37
C PHE A 276 -11.89 5.99 14.49
N PHE A 277 -13.16 6.02 14.10
CA PHE A 277 -14.26 6.21 15.06
C PHE A 277 -14.35 5.04 16.02
N ARG A 278 -14.20 3.83 15.50
CA ARG A 278 -14.11 2.63 16.34
C ARG A 278 -12.94 2.63 17.34
N GLN A 279 -11.80 3.22 16.98
CA GLN A 279 -10.68 3.34 17.90
C GLN A 279 -11.08 4.33 18.97
N GLY A 280 -11.65 5.45 18.53
CA GLY A 280 -12.11 6.51 19.43
C GLY A 280 -13.11 5.95 20.43
N ASP A 281 -14.01 5.06 20.00
CA ASP A 281 -14.96 4.42 20.89
C ASP A 281 -14.30 3.49 21.93
N ARG A 282 -13.28 2.72 21.53
CA ARG A 282 -12.52 1.88 22.48
C ARG A 282 -11.84 2.77 23.50
N GLU A 283 -11.25 3.87 23.02
CA GLU A 283 -10.59 4.81 23.93
C GLU A 283 -11.61 5.31 24.93
N ARG A 284 -12.81 5.66 24.42
CA ARG A 284 -13.89 6.20 25.25
C ARG A 284 -14.33 5.21 26.32
N GLU A 285 -14.68 3.98 25.93
CA GLU A 285 -15.12 3.02 26.96
C GLU A 285 -14.02 2.63 27.93
N ARG A 286 -12.74 2.67 27.50
CA ARG A 286 -11.60 2.45 28.41
C ARG A 286 -11.31 3.68 29.28
N GLY A 287 -12.13 4.73 29.14
CA GLY A 287 -11.90 6.00 29.85
C GLY A 287 -10.64 6.77 29.47
N MET A 288 -10.14 6.60 28.25
CA MET A 288 -8.94 7.34 27.81
C MET A 288 -9.36 8.58 27.05
N GLU A 289 -8.44 9.53 26.89
CA GLU A 289 -8.60 10.69 26.01
CA GLU A 289 -8.78 10.65 26.06
C GLU A 289 -8.79 10.19 24.58
N ILE A 290 -9.72 10.79 23.82
CA ILE A 290 -9.92 10.42 22.42
C ILE A 290 -8.86 11.03 21.48
N SER A 291 -8.21 10.18 20.67
CA SER A 291 -7.15 10.66 19.79
C SER A 291 -7.73 11.58 18.70
N PRO A 292 -6.88 12.44 18.09
CA PRO A 292 -7.33 13.36 17.04
C PRO A 292 -8.00 12.59 15.92
N MET A 293 -9.14 13.11 15.47
CA MET A 293 -9.87 12.57 14.32
C MET A 293 -10.54 11.22 14.60
N CYS A 294 -10.61 10.84 15.87
CA CYS A 294 -11.24 9.56 16.23
C CYS A 294 -12.55 9.71 17.01
N ASP A 295 -13.02 10.94 17.16
CA ASP A 295 -14.24 11.20 17.91
C ASP A 295 -15.45 11.41 16.99
N LYS A 296 -16.28 10.39 16.84
CA LYS A 296 -17.47 10.48 16.01
C LYS A 296 -18.38 11.70 16.31
N HIS A 297 -18.39 12.18 17.55
CA HIS A 297 -19.22 13.33 17.97
C HIS A 297 -18.54 14.67 17.74
N ASN A 298 -17.34 14.67 17.16
CA ASN A 298 -16.61 15.91 16.99
C ASN A 298 -15.64 15.85 15.80
N ALA A 299 -16.20 15.58 14.63
CA ALA A 299 -15.43 15.27 13.45
C ALA A 299 -15.65 16.32 12.35
N SER A 300 -14.59 16.64 11.61
CA SER A 300 -14.73 17.41 10.36
C SER A 300 -14.08 16.63 9.26
N VAL A 301 -14.81 15.66 8.76
CA VAL A 301 -14.32 14.78 7.73
C VAL A 301 -13.67 15.57 6.58
N GLU A 302 -14.38 16.58 6.05
CA GLU A 302 -13.86 17.24 4.86
C GLU A 302 -12.61 18.05 5.15
N LYS A 303 -12.59 18.76 6.26
CA LYS A 303 -11.44 19.59 6.56
C LYS A 303 -10.20 18.74 6.84
N SER A 304 -10.42 17.57 7.47
CA SER A 304 -9.33 16.62 7.72
C SER A 304 -8.70 16.14 6.44
N GLN A 305 -9.52 15.85 5.40
CA GLN A 305 -8.96 15.47 4.11
C GLN A 305 -8.14 16.57 3.45
N VAL A 306 -8.62 17.81 3.51
CA VAL A 306 -7.88 18.95 2.99
C VAL A 306 -6.51 19.06 3.75
N GLY A 307 -6.54 18.93 5.07
CA GLY A 307 -5.29 18.94 5.88
C GLY A 307 -4.37 17.79 5.52
N PHE A 308 -4.95 16.59 5.43
CA PHE A 308 -4.24 15.40 4.96
C PHE A 308 -3.56 15.60 3.61
N ILE A 309 -4.28 16.19 2.67
CA ILE A 309 -3.69 16.48 1.39
C ILE A 309 -2.61 17.59 1.49
N ASP A 310 -2.95 18.72 2.10
CA ASP A 310 -2.01 19.88 2.16
C ASP A 310 -0.70 19.56 2.89
N TYR A 311 -0.81 18.77 3.96
CA TYR A 311 0.30 18.50 4.88
C TYR A 311 1.13 17.26 4.59
N ILE A 312 0.49 16.22 4.05
CA ILE A 312 1.16 14.95 3.81
C ILE A 312 1.16 14.51 2.34
N VAL A 313 -0.05 14.37 1.78
CA VAL A 313 -0.21 13.73 0.49
C VAL A 313 0.36 14.54 -0.66
N HIS A 314 0.04 15.83 -0.71
CA HIS A 314 0.55 16.67 -1.78
C HIS A 314 2.08 16.92 -1.71
N PRO A 315 2.60 17.19 -0.52
CA PRO A 315 4.07 17.33 -0.44
C PRO A 315 4.80 16.08 -0.92
N LEU A 316 4.30 14.90 -0.57
CA LEU A 316 4.89 13.65 -1.03
C LEU A 316 4.76 13.48 -2.56
N TRP A 317 3.54 13.67 -3.09
CA TRP A 317 3.32 13.39 -4.51
C TRP A 317 3.98 14.41 -5.45
N GLU A 318 4.08 15.65 -5.01
CA GLU A 318 4.88 16.65 -5.71
C GLU A 318 6.38 16.25 -5.80
N THR A 319 6.91 15.61 -4.76
CA THR A 319 8.33 15.25 -4.81
C THR A 319 8.50 14.05 -5.67
N TRP A 320 7.59 13.08 -5.54
CA TRP A 320 7.55 11.93 -6.44
C TRP A 320 7.48 12.38 -7.90
N ALA A 321 6.60 13.33 -8.21
CA ALA A 321 6.37 13.76 -9.59
C ALA A 321 7.63 14.41 -10.15
N ASP A 322 8.34 15.11 -9.27
CA ASP A 322 9.67 15.61 -9.56
C ASP A 322 10.64 14.49 -9.95
N LEU A 323 10.67 13.44 -9.13
CA LEU A 323 11.53 12.30 -9.37
C LEU A 323 11.25 11.63 -10.70
N VAL A 324 9.97 11.52 -11.09
CA VAL A 324 9.63 10.78 -12.33
C VAL A 324 9.07 11.70 -13.45
N HIS A 325 9.35 13.00 -13.35
CA HIS A 325 8.87 14.03 -14.29
C HIS A 325 9.00 13.59 -15.78
N PRO A 326 7.94 13.76 -16.58
CA PRO A 326 6.60 14.30 -16.26
C PRO A 326 5.54 13.22 -15.96
N ASP A 327 5.98 11.99 -15.68
CA ASP A 327 5.10 10.83 -15.57
C ASP A 327 3.88 10.97 -14.63
N ALA A 328 4.02 11.69 -13.52
CA ALA A 328 2.98 11.69 -12.48
C ALA A 328 2.09 12.91 -12.54
N GLN A 329 2.15 13.64 -13.65
CA GLN A 329 1.41 14.91 -13.79
C GLN A 329 -0.13 14.74 -13.64
N ASP A 330 -0.67 13.75 -14.35
CA ASP A 330 -2.10 13.45 -14.24
C ASP A 330 -2.49 13.07 -12.78
N ILE A 331 -1.63 12.33 -12.09
CA ILE A 331 -1.89 11.97 -10.69
C ILE A 331 -1.95 13.24 -9.87
N LEU A 332 -1.00 14.14 -10.12
CA LEU A 332 -0.92 15.37 -9.40
C LEU A 332 -2.11 16.31 -9.72
N ASP A 333 -2.62 16.26 -10.95
CA ASP A 333 -3.82 17.07 -11.31
C ASP A 333 -5.07 16.58 -10.62
N THR A 334 -5.23 15.25 -10.61
CA THR A 334 -6.35 14.61 -9.93
C THR A 334 -6.36 14.96 -8.45
N LEU A 335 -5.17 14.89 -7.82
CA LEU A 335 -5.01 15.25 -6.42
C LEU A 335 -5.47 16.69 -6.12
N GLU A 336 -5.05 17.66 -6.93
CA GLU A 336 -5.48 19.05 -6.66
C GLU A 336 -7.00 19.23 -6.88
N ASP A 337 -7.53 18.55 -7.90
CA ASP A 337 -8.97 18.42 -8.09
C ASP A 337 -9.74 17.87 -6.89
N ASN A 338 -9.28 16.73 -6.35
CA ASN A 338 -9.93 16.13 -5.19
C ASN A 338 -9.84 17.04 -3.99
N ARG A 339 -8.69 17.72 -3.84
CA ARG A 339 -8.51 18.68 -2.76
C ARG A 339 -9.50 19.83 -2.91
N GLU A 340 -9.60 20.35 -4.13
CA GLU A 340 -10.60 21.40 -4.44
C GLU A 340 -12.00 20.91 -4.09
N TRP A 341 -12.37 19.71 -4.53
CA TRP A 341 -13.66 19.13 -4.14
C TRP A 341 -13.91 19.02 -2.64
N TYR A 342 -13.00 18.38 -1.88
CA TYR A 342 -13.25 18.34 -0.40
C TYR A 342 -13.29 19.72 0.24
N GLN A 343 -12.52 20.66 -0.29
CA GLN A 343 -12.52 22.03 0.21
C GLN A 343 -13.85 22.72 -0.08
N SER A 344 -14.40 22.47 -1.26
CA SER A 344 -15.60 23.19 -1.70
CA SER A 344 -15.60 23.18 -1.70
C SER A 344 -16.93 22.56 -1.24
N THR A 345 -16.97 21.27 -0.94
CA THR A 345 -18.28 20.69 -0.60
C THR A 345 -18.94 21.26 0.62
N ILE A 346 -20.27 21.25 0.52
CA ILE A 346 -21.17 21.28 1.65
C ILE A 346 -20.89 20.04 2.54
N PRO A 347 -20.54 20.25 3.84
CA PRO A 347 -20.32 19.12 4.75
C PRO A 347 -21.41 18.04 4.71
N GLN A 348 -20.97 16.77 4.74
CA GLN A 348 -21.81 15.56 4.65
C GLN A 348 -22.83 15.42 5.81
ZN ZN B . -1.23 0.69 4.56
C1 0MO C . -8.68 10.49 9.40
N1 0MO C . -3.22 5.71 9.45
O1 0MO C . -7.02 10.38 6.29
C2 0MO C . -8.76 11.56 8.32
N2 0MO C . -2.27 5.36 7.48
O2 0MO C . -8.13 9.15 4.05
C3 0MO C . -7.40 12.14 7.93
O3 0MO C . -1.15 4.76 9.33
C4 0MO C . -6.43 11.12 7.35
C5 0MO C . -6.40 9.28 5.75
C6 0MO C . -7.00 8.60 4.58
C7 0MO C . -8.62 8.67 2.78
C8 0MO C . -6.38 7.46 4.02
C9 0MO C . -5.18 6.98 4.58
C10 0MO C . -4.62 7.63 5.71
C11 0MO C . -3.31 7.15 6.33
C12 0MO C . -3.55 5.93 7.16
C13 0MO C . -4.14 6.35 8.51
C14 0MO C . -2.14 5.24 8.80
C15 0MO C . -5.21 8.75 6.28
MG MG D . 0.47 0.24 7.73
#